data_4OW8
#
_entry.id   4OW8
#
_cell.length_a   54.139
_cell.length_b   58.412
_cell.length_c   78.867
_cell.angle_alpha   90.00
_cell.angle_beta   96.20
_cell.angle_gamma   90.00
#
_symmetry.space_group_name_H-M   'I 1 2 1'
#
loop_
_entity.id
_entity.type
_entity.pdbx_description
1 polymer 'Serine/threonine-protein kinase PknA'
2 non-polymer GLYCEROL
3 non-polymer 'SULFATE ION'
4 water water
#
_entity_poly.entity_id   1
_entity_poly.type   'polypeptide(L)'
_entity_poly.pdbx_seq_one_letter_code
;MSPRVGVTLSGRYRLQRLIATGGMGQVWEAVDNRLGRRVAVKVLKSEFSSDPEFIERFRAEARTTAMLNHPGIASVHDYG
ESQMNGEGRTAYLVMELVNGEPLNSVLKRTGRLSLRHALDMLEQTGRALQIAHAAGLVHRDVKPGNILITPTGQVKITDF
GIAKAVDAAPVTQTGMVMGTAQYIAPEQALGHDASPASDVYSLGVVGYEAVSGKRPFAGDGALTVAMKHIKEPPPPLPPD
LPPNVRELIEITLVKNPAMRYRSGGPFADAVAAVRAGRRPPRP
;
_entity_poly.pdbx_strand_id   A
#
loop_
_chem_comp.id
_chem_comp.type
_chem_comp.name
_chem_comp.formula
GOL non-polymer GLYCEROL 'C3 H8 O3'
SO4 non-polymer 'SULFATE ION' 'O4 S -2'
#
# COMPACT_ATOMS: atom_id res chain seq x y z
N PRO A 3 2.86 -23.22 14.34
CA PRO A 3 2.44 -21.84 14.02
C PRO A 3 0.90 -21.66 14.08
N ARG A 4 0.37 -21.47 15.28
CA ARG A 4 -1.07 -21.64 15.51
C ARG A 4 -1.50 -21.01 16.86
N VAL A 5 -2.79 -21.13 17.17
CA VAL A 5 -3.37 -20.49 18.35
C VAL A 5 -2.67 -20.93 19.64
N GLY A 6 -2.40 -19.97 20.52
CA GLY A 6 -1.70 -20.24 21.79
C GLY A 6 -0.18 -20.21 21.75
N VAL A 7 0.43 -20.26 20.56
CA VAL A 7 1.89 -20.09 20.44
C VAL A 7 2.27 -18.70 20.93
N THR A 8 3.38 -18.62 21.66
CA THR A 8 3.79 -17.36 22.31
C THR A 8 5.18 -17.06 21.82
N LEU A 9 5.24 -16.18 20.82
CA LEU A 9 6.46 -15.91 20.11
C LEU A 9 7.44 -15.17 20.99
N SER A 10 8.64 -15.72 21.09
CA SER A 10 9.70 -15.21 21.98
C SER A 10 9.17 -15.08 23.44
N GLY A 11 8.24 -15.93 23.84
CA GLY A 11 7.64 -15.85 25.18
C GLY A 11 6.84 -14.58 25.47
N ARG A 12 6.59 -13.77 24.43
CA ARG A 12 5.95 -12.47 24.62
C ARG A 12 4.58 -12.30 23.98
N TYR A 13 4.49 -12.72 22.72
CA TYR A 13 3.35 -12.46 21.87
C TYR A 13 2.57 -13.73 21.62
N ARG A 14 1.35 -13.77 22.13
CA ARG A 14 0.50 -14.95 22.08
C ARG A 14 -0.51 -14.92 20.94
N LEU A 15 -0.43 -15.89 20.03
CA LEU A 15 -1.29 -15.87 18.84
C LEU A 15 -2.72 -16.29 19.19
N GLN A 16 -3.70 -15.56 18.64
CA GLN A 16 -5.12 -15.76 18.93
C GLN A 16 -5.93 -16.20 17.76
N ARG A 17 -5.74 -15.53 16.63
CA ARG A 17 -6.58 -15.77 15.47
C ARG A 17 -5.84 -15.37 14.21
N LEU A 18 -6.02 -16.16 13.16
CA LEU A 18 -5.41 -15.90 11.85
C LEU A 18 -6.30 -14.89 11.11
N ILE A 19 -5.76 -13.70 10.80
CA ILE A 19 -6.57 -12.57 10.26
C ILE A 19 -6.24 -12.11 8.84
N ALA A 20 -5.02 -12.39 8.38
CA ALA A 20 -4.64 -12.09 7.01
C ALA A 20 -3.66 -13.13 6.53
N THR A 21 -3.40 -13.11 5.24
CA THR A 21 -2.59 -14.12 4.60
C THR A 21 -1.99 -13.51 3.35
N GLY A 22 -1.10 -14.22 2.69
CA GLY A 22 -0.41 -13.66 1.54
C GLY A 22 0.85 -14.41 1.16
N GLY A 23 1.50 -13.89 0.11
CA GLY A 23 2.68 -14.52 -0.46
C GLY A 23 3.86 -14.64 0.50
N MET A 24 4.03 -13.65 1.36
CA MET A 24 5.19 -13.58 2.24
C MET A 24 4.98 -14.27 3.62
N GLY A 25 3.73 -14.41 4.03
CA GLY A 25 3.40 -15.06 5.30
C GLY A 25 1.96 -14.83 5.71
N GLN A 26 1.71 -14.93 7.01
CA GLN A 26 0.36 -14.77 7.53
C GLN A 26 0.35 -13.73 8.65
N VAL A 27 -0.77 -13.07 8.82
CA VAL A 27 -0.92 -12.06 9.86
C VAL A 27 -1.94 -12.59 10.87
N TRP A 28 -1.63 -12.43 12.15
CA TRP A 28 -2.39 -13.02 13.25
C TRP A 28 -2.71 -11.95 14.26
N GLU A 29 -3.88 -12.03 14.88
CA GLU A 29 -4.15 -11.24 16.07
C GLU A 29 -3.47 -11.90 17.23
N ALA A 30 -2.75 -11.11 18.03
CA ALA A 30 -2.07 -11.57 19.23
C ALA A 30 -2.24 -10.65 20.42
N VAL A 31 -1.85 -11.14 21.59
CA VAL A 31 -1.67 -10.27 22.73
C VAL A 31 -0.19 -10.12 23.03
N ASP A 32 0.26 -8.89 23.21
CA ASP A 32 1.55 -8.62 23.81
C ASP A 32 1.37 -8.86 25.29
N ASN A 33 2.03 -9.88 25.83
CA ASN A 33 1.85 -10.24 27.26
C ASN A 33 2.75 -9.44 28.22
N ARG A 34 3.72 -8.69 27.68
CA ARG A 34 4.49 -7.75 28.52
C ARG A 34 3.69 -6.49 28.86
N LEU A 35 2.83 -6.04 27.93
CA LEU A 35 2.04 -4.83 28.11
C LEU A 35 0.54 -5.08 28.12
N GLY A 36 0.12 -6.31 27.86
CA GLY A 36 -1.32 -6.63 27.81
C GLY A 36 -2.03 -5.78 26.79
N ARG A 37 -1.51 -5.79 25.57
CA ARG A 37 -2.04 -5.02 24.44
C ARG A 37 -2.25 -5.96 23.25
N ARG A 38 -3.41 -5.87 22.62
CA ARG A 38 -3.69 -6.62 21.41
C ARG A 38 -2.91 -5.98 20.24
N VAL A 39 -2.34 -6.83 19.38
CA VAL A 39 -1.50 -6.42 18.26
C VAL A 39 -1.67 -7.36 17.06
N ALA A 40 -1.07 -6.98 15.94
CA ALA A 40 -1.03 -7.80 14.74
C ALA A 40 0.41 -8.25 14.57
N VAL A 41 0.57 -9.53 14.21
CA VAL A 41 1.86 -10.16 14.02
C VAL A 41 1.91 -10.78 12.65
N LYS A 42 2.87 -10.31 11.85
CA LYS A 42 3.11 -10.94 10.56
C LYS A 42 4.17 -11.98 10.77
N VAL A 43 3.79 -13.23 10.55
CA VAL A 43 4.70 -14.36 10.72
C VAL A 43 5.20 -14.75 9.33
N LEU A 44 6.51 -14.65 9.10
CA LEU A 44 7.04 -14.84 7.75
C LEU A 44 7.17 -16.33 7.40
N LYS A 45 6.94 -16.66 6.15
CA LYS A 45 7.17 -18.01 5.68
C LYS A 45 8.64 -18.38 5.80
N SER A 46 8.87 -19.67 5.99
CA SER A 46 10.21 -20.20 6.17
C SER A 46 11.15 -19.81 5.03
N GLU A 47 10.62 -19.75 3.81
CA GLU A 47 11.41 -19.44 2.63
C GLU A 47 11.98 -18.02 2.68
N PHE A 48 11.34 -17.16 3.48
CA PHE A 48 11.82 -15.81 3.75
C PHE A 48 12.56 -15.74 5.09
N SER A 49 12.04 -16.38 6.13
CA SER A 49 12.75 -16.45 7.42
C SER A 49 14.22 -16.90 7.23
N SER A 50 14.42 -17.90 6.36
CA SER A 50 15.74 -18.54 6.17
C SER A 50 16.72 -17.80 5.26
N ASP A 51 16.31 -16.66 4.71
CA ASP A 51 17.15 -15.91 3.79
C ASP A 51 17.71 -14.66 4.48
N PRO A 52 18.98 -14.74 4.96
CA PRO A 52 19.68 -13.63 5.63
C PRO A 52 19.47 -12.28 5.01
N GLU A 53 19.76 -12.18 3.71
CA GLU A 53 19.78 -10.91 2.99
C GLU A 53 18.39 -10.31 2.79
N PHE A 54 17.41 -11.17 2.55
CA PHE A 54 16.03 -10.71 2.46
C PHE A 54 15.57 -10.17 3.81
N ILE A 55 15.89 -10.89 4.87
CA ILE A 55 15.59 -10.39 6.22
C ILE A 55 16.25 -9.03 6.49
N GLU A 56 17.49 -8.85 6.08
CA GLU A 56 18.16 -7.55 6.27
C GLU A 56 17.35 -6.39 5.61
N ARG A 57 17.01 -6.56 4.33
CA ARG A 57 16.21 -5.54 3.61
C ARG A 57 14.83 -5.36 4.24
N PHE A 58 14.20 -6.45 4.63
CA PHE A 58 12.88 -6.46 5.26
C PHE A 58 12.94 -5.58 6.53
N ARG A 59 13.95 -5.83 7.36
CA ARG A 59 14.11 -5.12 8.62
C ARG A 59 14.46 -3.65 8.43
N ALA A 60 15.29 -3.35 7.43
CA ALA A 60 15.60 -1.96 7.08
C ALA A 60 14.34 -1.12 6.81
N GLU A 61 13.36 -1.69 6.11
CA GLU A 61 12.12 -0.97 5.81
C GLU A 61 11.26 -0.84 7.07
N ALA A 62 10.94 -1.98 7.68
CA ALA A 62 10.11 -2.03 8.88
C ALA A 62 10.65 -1.07 9.94
N ARG A 63 11.94 -1.20 10.23
CA ARG A 63 12.66 -0.32 11.19
C ARG A 63 12.33 1.15 10.99
N THR A 64 12.42 1.60 9.72
CA THR A 64 12.17 3.00 9.40
C THR A 64 10.72 3.35 9.65
N THR A 65 9.81 2.43 9.28
CA THR A 65 8.40 2.68 9.48
C THR A 65 8.09 2.82 10.97
N ALA A 66 8.78 2.01 11.79
CA ALA A 66 8.55 2.03 13.24
C ALA A 66 8.92 3.35 13.91
N MET A 67 9.67 4.21 13.22
CA MET A 67 10.03 5.52 13.77
C MET A 67 9.12 6.62 13.29
N LEU A 68 8.07 6.27 12.56
CA LEU A 68 7.12 7.27 12.06
C LEU A 68 5.89 7.22 12.93
N ASN A 69 5.51 8.37 13.48
CA ASN A 69 4.29 8.49 14.27
C ASN A 69 3.28 9.43 13.60
N HIS A 70 2.22 8.84 13.08
CA HIS A 70 1.23 9.58 12.31
C HIS A 70 -0.04 8.76 12.32
N PRO A 71 -1.20 9.42 12.47
CA PRO A 71 -2.50 8.73 12.46
C PRO A 71 -2.76 7.80 11.27
N GLY A 72 -2.22 8.14 10.09
CA GLY A 72 -2.41 7.36 8.88
C GLY A 72 -1.40 6.27 8.58
N ILE A 73 -0.36 6.13 9.39
CA ILE A 73 0.58 5.03 9.25
C ILE A 73 0.29 3.99 10.35
N ALA A 74 -0.09 2.78 9.95
CA ALA A 74 -0.23 1.70 10.90
C ALA A 74 1.09 1.44 11.61
N SER A 75 1.05 1.41 12.94
CA SER A 75 2.29 1.37 13.72
C SER A 75 3.02 0.08 13.45
N VAL A 76 4.34 0.17 13.46
CA VAL A 76 5.22 -0.97 13.41
C VAL A 76 5.94 -0.94 14.74
N HIS A 77 5.74 -2.01 15.53
CA HIS A 77 6.20 -2.04 16.92
C HIS A 77 7.50 -2.73 17.15
N ASP A 78 7.75 -3.84 16.45
CA ASP A 78 8.91 -4.65 16.74
C ASP A 78 9.14 -5.79 15.75
N TYR A 79 10.40 -6.23 15.65
CA TYR A 79 10.76 -7.46 14.98
C TYR A 79 11.28 -8.47 16.00
N GLY A 80 11.13 -9.75 15.70
CA GLY A 80 11.73 -10.82 16.48
C GLY A 80 11.85 -12.13 15.72
N GLU A 81 12.59 -13.06 16.30
CA GLU A 81 12.64 -14.44 15.81
C GLU A 81 12.45 -15.37 16.99
N SER A 82 11.68 -16.44 16.83
CA SER A 82 11.37 -17.32 17.96
C SER A 82 11.62 -18.80 17.64
N GLN A 83 11.79 -19.60 18.68
CA GLN A 83 12.06 -21.03 18.55
C GLN A 83 10.77 -21.81 18.32
N ARG A 89 14.37 -19.46 14.03
CA ARG A 89 13.57 -20.35 13.18
C ARG A 89 12.45 -19.58 12.48
N THR A 90 11.63 -18.88 13.26
CA THR A 90 10.44 -18.20 12.71
C THR A 90 10.46 -16.69 12.94
N ALA A 91 10.62 -15.95 11.84
CA ALA A 91 10.70 -14.52 11.83
C ALA A 91 9.31 -13.93 11.95
N TYR A 92 9.22 -12.76 12.56
CA TYR A 92 7.96 -12.04 12.62
C TYR A 92 8.08 -10.54 12.84
N LEU A 93 7.00 -9.83 12.52
CA LEU A 93 6.94 -8.40 12.67
C LEU A 93 5.68 -8.10 13.45
N VAL A 94 5.83 -7.30 14.50
CA VAL A 94 4.71 -6.94 15.36
C VAL A 94 4.19 -5.56 15.01
N MET A 95 2.90 -5.49 14.75
CA MET A 95 2.28 -4.30 14.19
C MET A 95 1.07 -3.86 14.98
N GLU A 96 0.53 -2.72 14.58
CA GLU A 96 -0.73 -2.26 15.08
C GLU A 96 -1.82 -3.21 14.60
N LEU A 97 -2.76 -3.53 15.48
CA LEU A 97 -3.97 -4.23 15.10
C LEU A 97 -4.97 -3.15 14.74
N VAL A 98 -5.23 -2.97 13.46
CA VAL A 98 -6.09 -1.88 13.02
C VAL A 98 -7.53 -2.35 12.94
N ASN A 99 -8.43 -1.68 13.67
CA ASN A 99 -9.86 -1.94 13.51
C ASN A 99 -10.44 -1.19 12.33
N GLY A 100 -10.22 -1.75 11.15
CA GLY A 100 -10.69 -1.17 9.92
C GLY A 100 -10.80 -2.21 8.85
N GLU A 101 -11.37 -1.79 7.72
CA GLU A 101 -11.65 -2.68 6.62
C GLU A 101 -10.79 -2.25 5.42
N PRO A 102 -9.99 -3.19 4.87
CA PRO A 102 -9.24 -2.91 3.65
C PRO A 102 -10.09 -2.29 2.57
N LEU A 103 -9.52 -1.35 1.82
CA LEU A 103 -10.28 -0.69 0.76
C LEU A 103 -10.81 -1.65 -0.28
N ASN A 104 -10.08 -2.72 -0.58
CA ASN A 104 -10.60 -3.67 -1.55
C ASN A 104 -11.87 -4.34 -1.05
N SER A 105 -11.93 -4.62 0.24
CA SER A 105 -13.11 -5.16 0.87
C SER A 105 -14.26 -4.18 0.70
N VAL A 106 -14.04 -2.91 1.05
CA VAL A 106 -15.11 -1.89 0.95
C VAL A 106 -15.74 -1.88 -0.43
N LEU A 107 -14.89 -1.86 -1.46
CA LEU A 107 -15.34 -1.73 -2.85
C LEU A 107 -16.07 -2.97 -3.37
N LYS A 108 -15.79 -4.13 -2.79
CA LYS A 108 -16.49 -5.39 -3.15
C LYS A 108 -18.00 -5.22 -3.01
N ARG A 109 -18.40 -4.24 -2.20
CA ARG A 109 -19.79 -3.98 -1.91
C ARG A 109 -20.34 -2.80 -2.71
N THR A 110 -19.58 -1.71 -2.68
CA THR A 110 -20.07 -0.43 -3.15
C THR A 110 -19.71 -0.22 -4.65
N GLY A 111 -18.68 -0.91 -5.13
CA GLY A 111 -18.26 -0.78 -6.53
C GLY A 111 -17.35 0.41 -6.68
N ARG A 112 -17.90 1.60 -6.43
CA ARG A 112 -17.13 2.83 -6.26
C ARG A 112 -17.34 3.41 -4.84
N LEU A 113 -16.53 4.41 -4.47
CA LEU A 113 -16.80 5.25 -3.29
C LEU A 113 -17.53 6.48 -3.76
N SER A 114 -18.23 7.11 -2.82
CA SER A 114 -18.79 8.44 -3.03
C SER A 114 -17.64 9.38 -3.33
N LEU A 115 -17.87 10.41 -4.15
CA LEU A 115 -16.81 11.30 -4.62
C LEU A 115 -16.14 11.97 -3.44
N ARG A 116 -16.97 12.43 -2.54
CA ARG A 116 -16.52 13.05 -1.30
C ARG A 116 -15.58 12.14 -0.46
N HIS A 117 -15.95 10.88 -0.29
CA HIS A 117 -15.17 9.92 0.49
C HIS A 117 -13.88 9.57 -0.25
N ALA A 118 -13.99 9.43 -1.57
CA ALA A 118 -12.83 9.12 -2.38
C ALA A 118 -11.75 10.17 -2.17
N LEU A 119 -12.10 11.45 -2.35
CA LEU A 119 -11.11 12.55 -2.23
C LEU A 119 -10.46 12.57 -0.85
N ASP A 120 -11.29 12.40 0.16
CA ASP A 120 -10.85 12.34 1.54
C ASP A 120 -9.82 11.22 1.72
N MET A 121 -10.19 10.03 1.29
CA MET A 121 -9.29 8.90 1.38
C MET A 121 -7.99 9.16 0.68
N LEU A 122 -8.07 9.70 -0.55
CA LEU A 122 -6.88 9.99 -1.30
C LEU A 122 -6.01 10.99 -0.60
N GLU A 123 -6.64 11.99 -0.02
CA GLU A 123 -5.86 13.03 0.62
C GLU A 123 -5.22 12.49 1.89
N GLN A 124 -5.98 11.73 2.66
CA GLN A 124 -5.42 11.08 3.86
C GLN A 124 -4.22 10.19 3.50
N THR A 125 -4.43 9.30 2.54
CA THR A 125 -3.35 8.42 2.09
C THR A 125 -2.12 9.20 1.66
N GLY A 126 -2.33 10.27 0.91
CA GLY A 126 -1.22 11.12 0.46
C GLY A 126 -0.42 11.77 1.58
N ARG A 127 -1.09 12.21 2.65
CA ARG A 127 -0.40 12.78 3.81
C ARG A 127 0.42 11.70 4.54
N ALA A 128 -0.13 10.49 4.59
CA ALA A 128 0.52 9.39 5.29
C ALA A 128 1.78 8.97 4.55
N LEU A 129 1.65 8.81 3.22
CA LEU A 129 2.81 8.58 2.36
C LEU A 129 3.88 9.66 2.47
N GLN A 130 3.48 10.92 2.64
CA GLN A 130 4.44 12.03 2.67
C GLN A 130 5.36 12.00 3.89
N ILE A 131 4.79 11.72 5.06
CA ILE A 131 5.62 11.45 6.23
C ILE A 131 6.70 10.40 5.90
N ALA A 132 6.28 9.33 5.24
CA ALA A 132 7.17 8.26 4.89
C ALA A 132 8.18 8.78 3.90
N HIS A 133 7.71 9.41 2.81
CA HIS A 133 8.62 10.00 1.81
C HIS A 133 9.64 10.97 2.41
N ALA A 134 9.25 11.75 3.42
CA ALA A 134 10.16 12.72 4.04
C ALA A 134 11.27 12.04 4.79
N ALA A 135 11.04 10.79 5.20
CA ALA A 135 12.01 9.97 5.94
C ALA A 135 12.93 9.11 5.06
N GLY A 136 12.84 9.27 3.74
CA GLY A 136 13.55 8.39 2.80
C GLY A 136 12.82 7.08 2.52
N LEU A 137 11.56 6.97 2.91
CA LEU A 137 10.86 5.68 2.85
C LEU A 137 9.83 5.70 1.73
N VAL A 138 9.93 4.72 0.84
CA VAL A 138 8.95 4.52 -0.23
C VAL A 138 8.14 3.29 0.17
N HIS A 139 6.83 3.34 -0.08
CA HIS A 139 5.96 2.20 0.19
C HIS A 139 6.21 1.06 -0.78
N ARG A 140 6.16 1.39 -2.07
CA ARG A 140 6.44 0.48 -3.18
C ARG A 140 5.36 -0.55 -3.48
N ASP A 141 4.31 -0.67 -2.66
CA ASP A 141 3.19 -1.56 -2.96
C ASP A 141 1.86 -0.96 -2.54
N VAL A 142 1.68 0.30 -2.88
CA VAL A 142 0.41 0.96 -2.68
C VAL A 142 -0.69 0.20 -3.47
N LYS A 143 -1.79 -0.09 -2.78
CA LYS A 143 -2.95 -0.82 -3.33
C LYS A 143 -4.07 -0.84 -2.30
N PRO A 144 -5.34 -1.08 -2.74
CA PRO A 144 -6.44 -1.05 -1.79
C PRO A 144 -6.28 -1.97 -0.57
N GLY A 145 -5.60 -3.10 -0.72
CA GLY A 145 -5.44 -4.02 0.41
C GLY A 145 -4.51 -3.50 1.48
N ASN A 146 -3.78 -2.43 1.16
CA ASN A 146 -2.91 -1.75 2.12
C ASN A 146 -3.48 -0.42 2.64
N ILE A 147 -4.75 -0.16 2.38
CA ILE A 147 -5.43 1.06 2.82
C ILE A 147 -6.59 0.63 3.68
N LEU A 148 -6.39 0.62 4.99
CA LEU A 148 -7.45 0.24 5.90
C LEU A 148 -8.30 1.45 6.26
N ILE A 149 -9.62 1.25 6.27
CA ILE A 149 -10.53 2.30 6.68
C ILE A 149 -11.32 1.90 7.92
N THR A 150 -11.20 2.74 8.93
CA THR A 150 -11.84 2.48 10.22
C THR A 150 -13.30 2.99 10.21
N PRO A 151 -14.10 2.58 11.20
CA PRO A 151 -15.48 3.08 11.29
C PRO A 151 -15.61 4.61 11.27
N THR A 152 -14.59 5.33 11.74
CA THR A 152 -14.66 6.81 11.81
C THR A 152 -14.11 7.48 10.54
N GLY A 153 -13.64 6.68 9.59
CA GLY A 153 -13.08 7.20 8.32
C GLY A 153 -11.57 7.43 8.34
N GLN A 154 -10.87 7.09 9.42
CA GLN A 154 -9.41 7.21 9.45
C GLN A 154 -8.83 6.16 8.55
N VAL A 155 -8.01 6.60 7.60
CA VAL A 155 -7.27 5.70 6.75
C VAL A 155 -5.98 5.29 7.46
N LYS A 156 -5.71 4.00 7.50
CA LYS A 156 -4.43 3.52 7.98
C LYS A 156 -3.72 2.71 6.92
N ILE A 157 -2.47 3.07 6.69
CA ILE A 157 -1.66 2.44 5.68
C ILE A 157 -0.74 1.38 6.28
N THR A 158 -0.90 0.14 5.80
CA THR A 158 -0.06 -1.02 6.18
C THR A 158 1.05 -1.38 5.16
N ASP A 159 2.01 -2.17 5.65
CA ASP A 159 3.09 -2.80 4.87
C ASP A 159 3.94 -1.87 3.98
N PHE A 160 4.54 -0.84 4.59
CA PHE A 160 5.51 -0.02 3.89
C PHE A 160 6.79 -0.79 3.59
N GLY A 161 7.20 -0.78 2.32
CA GLY A 161 8.49 -1.31 1.88
C GLY A 161 8.66 -2.81 1.77
N ILE A 162 8.02 -3.55 2.66
CA ILE A 162 8.43 -4.93 2.92
C ILE A 162 8.16 -5.94 1.81
N ALA A 163 6.97 -5.88 1.19
CA ALA A 163 6.68 -6.75 0.06
C ALA A 163 7.76 -6.66 -1.03
N LYS A 164 8.21 -5.45 -1.33
CA LYS A 164 9.18 -5.29 -2.42
C LYS A 164 10.65 -5.57 -2.05
N ALA A 165 10.92 -5.90 -0.78
CA ALA A 165 12.23 -6.41 -0.32
C ALA A 165 12.67 -7.74 -0.98
N VAL A 166 11.71 -8.54 -1.42
CA VAL A 166 12.02 -9.69 -2.26
C VAL A 166 12.59 -9.01 -3.47
N ASP A 167 13.76 -9.39 -3.93
CA ASP A 167 14.32 -8.50 -4.96
C ASP A 167 14.08 -9.01 -6.34
N ALA A 168 12.80 -8.95 -6.72
CA ALA A 168 12.35 -9.61 -7.92
C ALA A 168 12.87 -8.89 -9.15
N ALA A 169 13.13 -9.66 -10.20
CA ALA A 169 13.51 -9.15 -11.52
C ALA A 169 12.31 -8.44 -12.17
N PRO A 170 12.52 -7.77 -13.32
CA PRO A 170 11.37 -7.10 -13.95
C PRO A 170 10.19 -8.03 -14.33
N VAL A 171 8.97 -7.60 -14.04
CA VAL A 171 7.79 -8.36 -14.46
C VAL A 171 7.73 -8.53 -15.98
N THR A 172 8.14 -7.50 -16.71
CA THR A 172 8.20 -7.61 -18.19
C THR A 172 8.98 -8.84 -18.67
N GLN A 173 10.02 -9.21 -17.92
CA GLN A 173 10.89 -10.35 -18.22
C GLN A 173 10.50 -11.66 -17.55
N THR A 174 10.00 -11.59 -16.32
CA THR A 174 9.61 -12.79 -15.57
C THR A 174 8.17 -13.20 -15.81
N GLY A 175 7.32 -12.26 -16.17
CA GLY A 175 5.87 -12.52 -16.25
C GLY A 175 5.19 -12.81 -14.91
N MET A 176 5.87 -12.52 -13.80
CA MET A 176 5.35 -12.88 -12.47
C MET A 176 5.61 -11.76 -11.46
N VAL A 177 4.67 -11.62 -10.52
CA VAL A 177 4.74 -10.63 -9.46
C VAL A 177 4.23 -11.24 -8.15
N MET A 178 4.90 -10.92 -7.04
CA MET A 178 4.44 -11.32 -5.71
C MET A 178 3.29 -10.37 -5.34
N GLY A 179 2.08 -10.92 -5.24
CA GLY A 179 0.89 -10.11 -5.00
C GLY A 179 0.28 -9.75 -6.34
N THR A 180 -0.17 -8.50 -6.50
CA THR A 180 -0.87 -8.09 -7.72
C THR A 180 -0.08 -7.08 -8.50
N ALA A 181 -0.28 -7.05 -9.81
CA ALA A 181 0.33 -6.07 -10.70
C ALA A 181 -0.68 -4.99 -11.10
N GLN A 182 -1.85 -5.03 -10.50
CA GLN A 182 -2.98 -4.20 -10.95
C GLN A 182 -2.75 -2.70 -10.70
N TYR A 183 -1.89 -2.38 -9.73
CA TYR A 183 -1.59 -0.99 -9.32
C TYR A 183 -0.16 -0.61 -9.54
N ILE A 184 0.60 -1.45 -10.27
CA ILE A 184 2.03 -1.25 -10.40
C ILE A 184 2.36 0.04 -11.16
N ALA A 185 3.40 0.75 -10.74
CA ALA A 185 3.86 1.91 -11.50
C ALA A 185 4.62 1.38 -12.72
N PRO A 186 4.47 2.02 -13.89
CA PRO A 186 5.15 1.56 -15.09
C PRO A 186 6.66 1.40 -14.94
N GLU A 187 7.33 2.39 -14.35
CA GLU A 187 8.77 2.27 -14.05
C GLU A 187 9.10 1.05 -13.15
N GLN A 188 8.26 0.75 -12.17
CA GLN A 188 8.44 -0.50 -11.40
C GLN A 188 8.29 -1.75 -12.27
N ALA A 189 7.22 -1.80 -13.05
CA ALA A 189 7.03 -2.91 -13.99
C ALA A 189 8.23 -3.12 -14.94
N LEU A 190 8.95 -2.02 -15.21
CA LEU A 190 10.19 -2.02 -15.99
C LEU A 190 11.45 -2.51 -15.24
N GLY A 191 11.40 -2.56 -13.91
CA GLY A 191 12.57 -2.91 -13.11
C GLY A 191 13.33 -1.73 -12.50
N HIS A 192 12.82 -0.51 -12.64
CA HIS A 192 13.42 0.62 -11.93
C HIS A 192 12.98 0.54 -10.46
N ASP A 193 13.82 1.03 -9.56
CA ASP A 193 13.45 1.05 -8.15
C ASP A 193 12.37 2.12 -8.00
N ALA A 194 11.42 1.87 -7.10
CA ALA A 194 10.32 2.80 -6.86
C ALA A 194 10.85 4.10 -6.29
N SER A 195 10.13 5.18 -6.54
CA SER A 195 10.42 6.46 -5.96
C SER A 195 9.13 6.95 -5.33
N PRO A 196 9.17 8.05 -4.60
CA PRO A 196 7.87 8.53 -4.10
C PRO A 196 6.81 8.77 -5.19
N ALA A 197 7.27 9.06 -6.41
CA ALA A 197 6.38 9.28 -7.50
C ALA A 197 5.72 7.98 -7.94
N SER A 198 6.36 6.82 -7.70
CA SER A 198 5.72 5.52 -7.97
C SER A 198 4.51 5.28 -7.08
N ASP A 199 4.67 5.53 -5.79
CA ASP A 199 3.54 5.46 -4.86
C ASP A 199 2.41 6.38 -5.30
N VAL A 200 2.74 7.61 -5.67
CA VAL A 200 1.74 8.54 -6.20
C VAL A 200 0.95 7.90 -7.36
N TYR A 201 1.66 7.42 -8.37
CA TYR A 201 1.00 6.74 -9.48
C TYR A 201 0.06 5.66 -8.99
N SER A 202 0.54 4.77 -8.12
CA SER A 202 -0.28 3.64 -7.68
C SER A 202 -1.49 4.12 -6.83
N LEU A 203 -1.33 5.24 -6.14
CA LEU A 203 -2.46 5.84 -5.46
C LEU A 203 -3.47 6.45 -6.44
N GLY A 204 -2.98 6.88 -7.62
CA GLY A 204 -3.83 7.36 -8.69
C GLY A 204 -4.69 6.22 -9.23
N VAL A 205 -4.14 5.01 -9.25
CA VAL A 205 -4.89 3.83 -9.72
C VAL A 205 -5.99 3.51 -8.76
N VAL A 206 -5.62 3.39 -7.50
CA VAL A 206 -6.57 3.30 -6.39
C VAL A 206 -7.64 4.39 -6.54
N GLY A 207 -7.19 5.62 -6.79
CA GLY A 207 -8.10 6.73 -7.02
C GLY A 207 -9.03 6.56 -8.19
N TYR A 208 -8.48 6.11 -9.32
CA TYR A 208 -9.22 5.79 -10.52
C TYR A 208 -10.32 4.76 -10.24
N GLU A 209 -9.95 3.68 -9.56
CA GLU A 209 -10.87 2.65 -9.14
C GLU A 209 -11.96 3.17 -8.24
N ALA A 210 -11.53 3.94 -7.23
CA ALA A 210 -12.39 4.33 -6.15
C ALA A 210 -13.49 5.27 -6.61
N VAL A 211 -13.17 6.15 -7.55
CA VAL A 211 -14.16 7.09 -8.05
C VAL A 211 -15.10 6.48 -9.09
N SER A 212 -14.54 5.72 -10.04
CA SER A 212 -15.25 5.32 -11.26
C SER A 212 -15.98 3.99 -11.20
N GLY A 213 -15.68 3.19 -10.18
CA GLY A 213 -16.23 1.84 -10.08
C GLY A 213 -15.24 0.73 -10.34
N LYS A 214 -14.42 0.85 -11.39
CA LYS A 214 -13.48 -0.21 -11.72
C LYS A 214 -12.04 0.27 -11.93
N ARG A 215 -11.08 -0.60 -11.64
CA ARG A 215 -9.66 -0.37 -11.97
C ARG A 215 -9.54 0.01 -13.41
N PRO A 216 -8.51 0.78 -13.77
CA PRO A 216 -8.29 1.21 -15.14
C PRO A 216 -7.77 0.13 -16.11
N PHE A 217 -7.02 -0.83 -15.60
CA PHE A 217 -6.43 -1.91 -16.43
C PHE A 217 -6.75 -3.25 -15.79
N ALA A 218 -7.21 -4.19 -16.60
CA ALA A 218 -7.37 -5.58 -16.15
C ALA A 218 -6.73 -6.51 -17.19
N GLY A 219 -6.58 -7.77 -16.84
CA GLY A 219 -6.05 -8.74 -17.78
C GLY A 219 -5.74 -10.05 -17.09
N ASP A 220 -5.68 -11.10 -17.89
CA ASP A 220 -5.43 -12.43 -17.36
C ASP A 220 -3.90 -12.55 -17.13
N GLY A 221 -3.49 -12.22 -15.91
CA GLY A 221 -2.12 -12.44 -15.45
C GLY A 221 -1.34 -11.15 -15.24
N ALA A 222 -0.28 -11.24 -14.44
CA ALA A 222 0.57 -10.08 -14.12
C ALA A 222 1.12 -9.37 -15.35
N LEU A 223 1.67 -10.15 -16.28
CA LEU A 223 2.32 -9.58 -17.44
C LEU A 223 1.32 -8.75 -18.25
N THR A 224 0.12 -9.31 -18.50
CA THR A 224 -0.93 -8.60 -19.24
C THR A 224 -1.20 -7.19 -18.68
N VAL A 225 -1.50 -7.10 -17.40
CA VAL A 225 -1.85 -5.81 -16.79
C VAL A 225 -0.65 -4.85 -16.74
N ALA A 226 0.50 -5.40 -16.33
CA ALA A 226 1.71 -4.60 -16.20
C ALA A 226 2.11 -3.93 -17.50
N MET A 227 1.93 -4.63 -18.62
CA MET A 227 2.22 -4.08 -19.96
C MET A 227 1.35 -2.87 -20.30
N LYS A 228 0.08 -2.96 -19.97
CA LYS A 228 -0.87 -1.84 -20.13
C LYS A 228 -0.51 -0.61 -19.30
N HIS A 229 0.06 -0.84 -18.13
CA HIS A 229 0.57 0.24 -17.29
C HIS A 229 1.72 0.93 -18.01
N ILE A 230 2.60 0.14 -18.62
CA ILE A 230 3.71 0.70 -19.37
C ILE A 230 3.23 1.43 -20.62
N LYS A 231 2.30 0.83 -21.35
CA LYS A 231 2.04 1.24 -22.74
C LYS A 231 0.67 1.88 -23.02
N GLU A 232 -0.32 1.69 -22.15
CA GLU A 232 -1.70 1.98 -22.51
C GLU A 232 -2.14 3.26 -21.84
N PRO A 233 -2.64 4.25 -22.61
CA PRO A 233 -3.31 5.35 -21.93
C PRO A 233 -4.55 4.84 -21.23
N PRO A 234 -4.77 5.25 -19.97
CA PRO A 234 -5.96 4.79 -19.26
C PRO A 234 -7.26 5.25 -19.93
N PRO A 235 -8.34 4.47 -19.81
CA PRO A 235 -9.60 4.85 -20.42
C PRO A 235 -10.17 6.10 -19.75
N PRO A 236 -10.63 7.07 -20.56
CA PRO A 236 -11.23 8.26 -19.93
C PRO A 236 -12.20 7.91 -18.80
N LEU A 237 -12.05 8.60 -17.67
CA LEU A 237 -13.00 8.49 -16.56
C LEU A 237 -14.37 9.00 -17.00
N PRO A 238 -15.44 8.53 -16.33
CA PRO A 238 -16.83 8.97 -16.57
C PRO A 238 -16.98 10.50 -16.67
N PRO A 239 -17.55 10.98 -17.80
CA PRO A 239 -17.87 12.40 -18.00
C PRO A 239 -18.66 13.12 -16.91
N ASP A 240 -19.44 12.41 -16.09
CA ASP A 240 -20.20 13.07 -15.01
C ASP A 240 -19.33 13.54 -13.83
N LEU A 241 -18.07 13.11 -13.78
CA LEU A 241 -17.16 13.52 -12.72
C LEU A 241 -16.62 14.91 -12.97
N PRO A 242 -16.59 15.76 -11.94
CA PRO A 242 -16.01 17.07 -12.17
C PRO A 242 -14.70 16.98 -12.97
N PRO A 243 -14.55 17.83 -14.00
CA PRO A 243 -13.31 17.82 -14.75
C PRO A 243 -12.05 17.94 -13.87
N ASN A 244 -12.11 18.76 -12.84
CA ASN A 244 -10.94 18.96 -11.98
C ASN A 244 -10.51 17.64 -11.31
N VAL A 245 -11.50 16.80 -11.04
CA VAL A 245 -11.28 15.50 -10.39
C VAL A 245 -10.65 14.54 -11.40
N ARG A 246 -11.31 14.39 -12.54
CA ARG A 246 -10.72 13.70 -13.69
C ARG A 246 -9.30 14.14 -13.99
N GLU A 247 -9.05 15.44 -14.00
CA GLU A 247 -7.76 15.93 -14.38
C GLU A 247 -6.70 15.62 -13.34
N LEU A 248 -7.06 15.75 -12.07
CA LEU A 248 -6.21 15.36 -10.97
C LEU A 248 -5.73 13.92 -11.12
N ILE A 249 -6.65 13.01 -11.38
CA ILE A 249 -6.34 11.59 -11.55
C ILE A 249 -5.51 11.32 -12.82
N GLU A 250 -5.89 11.92 -13.94
CA GLU A 250 -5.10 11.82 -15.18
C GLU A 250 -3.63 12.20 -15.01
N ILE A 251 -3.38 13.28 -14.27
CA ILE A 251 -2.02 13.72 -13.98
C ILE A 251 -1.26 12.66 -13.20
N THR A 252 -1.90 12.13 -12.18
CA THR A 252 -1.26 11.14 -11.36
C THR A 252 -0.81 9.93 -12.23
N LEU A 253 -1.56 9.60 -13.28
CA LEU A 253 -1.29 8.39 -14.07
C LEU A 253 -0.41 8.55 -15.33
N VAL A 254 0.30 9.68 -15.48
CA VAL A 254 1.22 9.80 -16.60
C VAL A 254 2.34 8.76 -16.45
N LYS A 255 2.91 8.35 -17.57
CA LYS A 255 3.88 7.24 -17.58
C LYS A 255 5.22 7.65 -17.04
N ASN A 256 5.63 8.86 -17.39
CA ASN A 256 6.90 9.38 -16.89
C ASN A 256 6.73 9.82 -15.44
N PRO A 257 7.44 9.16 -14.51
CA PRO A 257 7.36 9.54 -13.11
C PRO A 257 7.75 11.01 -12.91
N ALA A 258 8.64 11.52 -13.77
CA ALA A 258 9.18 12.86 -13.63
C ALA A 258 8.13 13.91 -13.94
N MET A 259 7.02 13.48 -14.54
CA MET A 259 5.92 14.37 -14.88
C MET A 259 4.73 14.31 -13.92
N ARG A 260 4.82 13.47 -12.87
CA ARG A 260 3.75 13.38 -11.86
C ARG A 260 4.03 14.28 -10.68
N TYR A 261 3.03 14.41 -9.81
CA TYR A 261 3.27 14.88 -8.45
C TYR A 261 4.38 14.00 -7.90
N ARG A 262 5.39 14.63 -7.33
CA ARG A 262 6.64 13.94 -7.06
C ARG A 262 6.58 13.11 -5.78
N SER A 263 5.70 13.48 -4.85
CA SER A 263 5.56 12.74 -3.60
C SER A 263 4.17 12.92 -2.96
N GLY A 264 3.97 12.33 -1.77
CA GLY A 264 2.66 12.28 -1.13
C GLY A 264 2.04 13.62 -0.79
N GLY A 265 2.89 14.54 -0.35
CA GLY A 265 2.48 15.89 0.02
C GLY A 265 1.99 16.70 -1.15
N PRO A 266 2.79 16.77 -2.24
CA PRO A 266 2.29 17.50 -3.39
C PRO A 266 0.95 16.93 -3.88
N PHE A 267 0.79 15.60 -3.82
CA PHE A 267 -0.44 14.97 -4.31
C PHE A 267 -1.61 15.34 -3.45
N ALA A 268 -1.47 15.12 -2.15
CA ALA A 268 -2.48 15.50 -1.17
C ALA A 268 -2.91 16.96 -1.30
N ASP A 269 -1.95 17.86 -1.44
CA ASP A 269 -2.25 19.29 -1.70
C ASP A 269 -3.12 19.50 -2.94
N ALA A 270 -2.88 18.68 -3.96
CA ALA A 270 -3.60 18.74 -5.23
C ALA A 270 -5.03 18.20 -5.07
N VAL A 271 -5.17 17.15 -4.26
CA VAL A 271 -6.47 16.68 -3.83
C VAL A 271 -7.23 17.76 -3.04
N ALA A 272 -6.55 18.48 -2.15
CA ALA A 272 -7.17 19.59 -1.39
C ALA A 272 -7.64 20.73 -2.30
N ALA A 273 -6.81 21.13 -3.24
CA ALA A 273 -7.17 22.17 -4.20
C ALA A 273 -8.41 21.73 -4.98
N VAL A 274 -8.45 20.47 -5.37
CA VAL A 274 -9.62 19.95 -6.10
C VAL A 274 -10.91 19.83 -5.26
N ARG A 275 -10.79 19.30 -4.04
CA ARG A 275 -11.90 19.36 -3.11
C ARG A 275 -12.45 20.77 -2.95
N ALA A 276 -11.53 21.73 -2.87
CA ALA A 276 -11.85 23.16 -2.74
C ALA A 276 -12.29 23.83 -4.04
N GLY A 277 -12.51 23.06 -5.10
CA GLY A 277 -13.09 23.59 -6.34
C GLY A 277 -12.08 24.19 -7.32
N ARG A 278 -10.79 24.05 -7.02
CA ARG A 278 -9.73 24.57 -7.86
C ARG A 278 -9.21 23.46 -8.76
N ARG A 279 -8.65 23.83 -9.91
CA ARG A 279 -8.07 22.86 -10.82
C ARG A 279 -6.76 22.30 -10.25
N PRO A 280 -6.41 21.05 -10.58
CA PRO A 280 -5.21 20.45 -10.01
C PRO A 280 -3.98 21.35 -10.25
N PRO A 281 -3.20 21.64 -9.19
CA PRO A 281 -1.97 22.41 -9.29
C PRO A 281 -0.91 21.76 -10.17
N ARG A 282 -0.01 22.59 -10.67
CA ARG A 282 1.13 22.18 -11.47
C ARG A 282 1.94 21.16 -10.68
N PRO A 283 2.13 19.94 -11.24
CA PRO A 283 3.08 19.02 -10.60
C PRO A 283 4.54 19.40 -10.82
C1 GOL B . 11.67 -2.63 14.20
O1 GOL B . 10.34 -2.58 13.68
C2 GOL B . 12.37 -3.81 13.53
O2 GOL B . 12.50 -3.55 12.11
C3 GOL B . 13.72 -4.10 14.17
O3 GOL B . 14.58 -4.76 13.24
S SO4 C . -19.93 9.21 2.57
O1 SO4 C . -19.98 10.32 1.59
O2 SO4 C . -20.73 9.48 3.79
O3 SO4 C . -20.45 7.99 1.89
O4 SO4 C . -18.52 8.99 2.97
#